data_3FW0
#
_entry.id   3FW0
#
_cell.length_a   51.930
_cell.length_b   75.080
_cell.length_c   97.026
_cell.angle_alpha   90.00
_cell.angle_beta   90.00
_cell.angle_gamma   90.00
#
_symmetry.space_group_name_H-M   'P 21 21 21'
#
loop_
_entity.id
_entity.type
_entity.pdbx_description
1 polymer 'Peptidyl-glycine alpha-amidating monooxygenase'
2 non-polymer 'MERCURY (II) ION'
3 non-polymer 'CALCIUM ION'
4 non-polymer '(2S)-hydroxy[(phenylcarbonyl)amino]ethanoic acid'
5 water water
#
_entity_poly.entity_id   1
_entity_poly.type   'polypeptide(L)'
_entity_poly.pdbx_seq_one_letter_code
;HHHHHHDFHVEEELDWPGVYLLPGQVSGVALDSKNNLVIFHRGDHVWDGNSFDSKFVYQQRGLGPIEEDTILVIDPNNAE
ILQSSGKNLFYLPHGLSIDTDGNYWVTDVALHQVFKLDPHSKEGPLLILGRSMQPGSDQNHFCQPTDVAVEPSTGAVFVS
DGYCNSRIVQFSPSGKFVTQWGEESSGSSPRPGQFSVPHSLALVPHLDQLCVADRENGRIQCFKTDTKEFVREIKHASFG
RNVFAISYIPGFLFAVNGKPYFGDQEPVQGFVMNFSSGEIIDVFKPVRKHFDMPHDIVASEDGTVYIGDAHTNTVWKFTL
TEKMEHRSV
;
_entity_poly.pdbx_strand_id   A
#
# COMPACT_ATOMS: atom_id res chain seq x y z
N HIS A 1 -27.98 11.33 23.18
CA HIS A 1 -27.80 12.30 22.06
C HIS A 1 -28.57 11.86 20.82
N HIS A 2 -28.53 12.67 19.77
CA HIS A 2 -29.14 12.31 18.51
C HIS A 2 -28.16 12.17 17.35
N HIS A 3 -28.03 13.22 16.55
CA HIS A 3 -27.82 12.99 15.12
C HIS A 3 -26.68 12.17 14.54
N HIS A 4 -27.13 11.30 13.63
CA HIS A 4 -26.45 10.05 13.32
C HIS A 4 -25.59 10.02 12.08
N HIS A 5 -24.46 10.72 12.20
CA HIS A 5 -23.26 10.47 11.45
C HIS A 5 -22.53 9.57 12.44
N HIS A 6 -21.45 8.91 12.04
CA HIS A 6 -20.75 8.05 13.00
C HIS A 6 -19.98 8.80 14.08
N ASP A 7 -19.87 8.15 15.23
CA ASP A 7 -19.15 8.67 16.37
C ASP A 7 -17.68 8.29 16.31
N PHE A 8 -17.30 7.57 15.26
CA PHE A 8 -15.90 7.23 15.04
C PHE A 8 -15.19 8.33 14.25
N HIS A 9 -14.03 8.76 14.75
N HIS A 9 -14.03 8.75 14.76
CA HIS A 9 -13.25 9.79 14.07
CA HIS A 9 -13.22 9.82 14.20
C HIS A 9 -11.75 9.53 14.18
C HIS A 9 -11.75 9.40 14.14
N VAL A 10 -11.06 9.78 13.07
CA VAL A 10 -9.61 9.61 13.00
C VAL A 10 -8.96 10.99 13.04
N GLU A 11 -8.07 11.19 14.00
CA GLU A 11 -7.38 12.45 14.17
C GLU A 11 -5.87 12.24 14.14
N GLU A 12 -5.14 13.22 13.59
CA GLU A 12 -3.68 13.19 13.62
C GLU A 12 -3.19 13.26 15.06
N GLU A 13 -2.27 12.38 15.41
CA GLU A 13 -1.62 12.44 16.72
C GLU A 13 -0.51 13.47 16.64
N LEU A 14 -0.75 14.63 17.23
CA LEU A 14 0.12 15.79 17.07
C LEU A 14 1.45 15.70 17.81
N ASP A 15 1.52 14.90 18.86
CA ASP A 15 2.77 14.78 19.60
C ASP A 15 3.75 13.73 19.02
N TRP A 16 3.40 13.16 17.87
CA TRP A 16 4.32 12.28 17.15
C TRP A 16 5.19 13.11 16.19
N PRO A 17 6.50 13.12 16.43
CA PRO A 17 7.47 13.94 15.70
C PRO A 17 7.96 13.38 14.35
N GLY A 18 7.40 12.25 13.92
CA GLY A 18 7.79 11.62 12.66
C GLY A 18 7.49 12.44 11.42
N VAL A 19 6.53 13.36 11.55
CA VAL A 19 6.19 14.31 10.51
C VAL A 19 7.37 15.21 10.11
N TYR A 20 8.36 15.31 10.99
CA TYR A 20 9.53 16.17 10.76
C TYR A 20 10.65 15.48 9.99
N LEU A 21 10.47 14.19 9.75
CA LEU A 21 11.40 13.40 8.94
C LEU A 21 11.38 13.88 7.48
N LEU A 22 12.56 13.90 6.87
CA LEU A 22 12.72 14.31 5.48
C LEU A 22 13.21 13.18 4.58
N PRO A 23 12.35 12.17 4.31
CA PRO A 23 12.81 11.10 3.43
C PRO A 23 12.62 11.48 1.96
N GLY A 24 12.87 10.54 1.07
CA GLY A 24 12.42 10.68 -0.31
C GLY A 24 10.94 10.35 -0.40
N GLN A 25 10.49 9.98 -1.58
CA GLN A 25 9.08 9.64 -1.78
C GLN A 25 8.73 8.41 -0.96
N VAL A 26 7.75 8.56 -0.08
CA VAL A 26 7.31 7.48 0.79
C VAL A 26 6.35 6.59 0.05
N SER A 27 6.83 5.43 -0.39
CA SER A 27 6.02 4.53 -1.22
C SER A 27 5.31 3.43 -0.42
N GLY A 28 5.83 3.08 0.74
CA GLY A 28 5.25 1.96 1.52
C GLY A 28 5.32 2.17 3.02
N VAL A 29 4.32 1.67 3.72
CA VAL A 29 4.34 1.64 5.18
C VAL A 29 3.91 0.27 5.68
N ALA A 30 4.37 -0.11 6.86
CA ALA A 30 3.99 -1.37 7.50
C ALA A 30 4.21 -1.28 9.01
N LEU A 31 3.69 -2.26 9.73
CA LEU A 31 3.92 -2.35 11.16
C LEU A 31 4.63 -3.66 11.45
N ASP A 32 5.67 -3.63 12.28
CA ASP A 32 6.29 -4.88 12.67
C ASP A 32 5.60 -5.49 13.90
N SER A 33 6.11 -6.61 14.40
CA SER A 33 5.49 -7.34 15.51
C SER A 33 5.57 -6.59 16.85
N LYS A 34 6.52 -5.67 16.98
CA LYS A 34 6.63 -4.83 18.18
C LYS A 34 5.94 -3.48 17.94
N ASN A 35 5.16 -3.44 16.87
CA ASN A 35 4.33 -2.29 16.47
C ASN A 35 5.07 -1.01 16.06
N ASN A 36 6.35 -1.15 15.71
CA ASN A 36 7.12 -0.07 15.10
C ASN A 36 6.61 0.21 13.70
N LEU A 37 6.72 1.47 13.28
CA LEU A 37 6.40 1.84 11.92
C LEU A 37 7.60 1.52 11.05
N VAL A 38 7.34 0.88 9.91
CA VAL A 38 8.41 0.63 8.95
C VAL A 38 8.02 1.34 7.66
N ILE A 39 8.91 2.21 7.16
CA ILE A 39 8.65 2.89 5.89
C ILE A 39 9.62 2.52 4.79
N PHE A 40 9.14 2.61 3.55
CA PHE A 40 9.93 2.28 2.38
C PHE A 40 9.88 3.54 1.54
N HIS A 41 11.05 4.11 1.25
CA HIS A 41 11.11 5.39 0.55
C HIS A 41 12.19 5.40 -0.54
N ARG A 42 12.08 6.36 -1.44
CA ARG A 42 12.87 6.36 -2.67
C ARG A 42 14.16 7.19 -2.62
N GLY A 43 14.50 7.73 -1.45
CA GLY A 43 15.70 8.53 -1.29
C GLY A 43 15.74 9.69 -2.25
N ASP A 44 16.79 9.77 -3.06
CA ASP A 44 16.92 10.86 -4.04
C ASP A 44 16.31 10.52 -5.40
N HIS A 45 15.67 9.36 -5.48
CA HIS A 45 15.06 8.89 -6.72
C HIS A 45 13.57 9.24 -6.79
N VAL A 46 13.14 9.68 -7.98
CA VAL A 46 11.75 10.06 -8.23
C VAL A 46 11.25 9.25 -9.43
N TRP A 47 10.00 8.77 -9.35
CA TRP A 47 9.32 8.30 -10.54
C TRP A 47 8.85 9.54 -11.33
N ASP A 48 9.47 9.79 -12.48
CA ASP A 48 9.08 10.94 -13.30
C ASP A 48 9.00 10.62 -14.80
N GLY A 49 8.85 11.66 -15.61
CA GLY A 49 8.66 11.52 -17.06
C GLY A 49 9.79 10.84 -17.80
N ASN A 50 10.97 10.82 -17.19
CA ASN A 50 12.17 10.27 -17.82
C ASN A 50 12.51 8.85 -17.37
N SER A 51 11.83 8.37 -16.33
CA SER A 51 12.13 7.07 -15.71
C SER A 51 11.94 5.88 -16.65
N PHE A 52 10.82 5.87 -17.38
CA PHE A 52 10.49 4.77 -18.30
C PHE A 52 10.29 5.21 -19.74
N ASP A 53 10.39 4.25 -20.66
CA ASP A 53 10.04 4.48 -22.05
C ASP A 53 8.72 3.79 -22.42
N SER A 54 8.34 3.90 -23.68
CA SER A 54 7.13 3.28 -24.25
C SER A 54 6.92 1.82 -23.81
N LYS A 55 8.02 1.08 -23.72
CA LYS A 55 7.97 -0.37 -23.45
C LYS A 55 8.18 -0.72 -21.98
N PHE A 56 8.13 0.29 -21.11
CA PHE A 56 8.21 0.12 -19.65
C PHE A 56 9.58 -0.33 -19.13
N VAL A 57 10.63 -0.07 -19.90
CA VAL A 57 11.98 -0.39 -19.46
C VAL A 57 12.61 0.86 -18.84
N TYR A 58 13.13 0.70 -17.62
CA TYR A 58 13.77 1.78 -16.87
C TYR A 58 14.95 2.39 -17.60
N GLN A 59 15.04 3.72 -17.54
CA GLN A 59 15.96 4.49 -18.38
C GLN A 59 17.11 5.16 -17.63
N GLN A 60 17.12 5.02 -16.31
CA GLN A 60 18.10 5.71 -15.48
C GLN A 60 19.01 4.70 -14.76
N ARG A 61 19.38 3.64 -15.47
CA ARG A 61 20.18 2.55 -14.92
C ARG A 61 21.63 2.98 -14.62
N GLY A 62 22.20 3.80 -15.51
CA GLY A 62 23.56 4.32 -15.33
C GLY A 62 23.73 5.18 -14.09
N LEU A 63 22.62 5.55 -13.47
CA LEU A 63 22.61 6.33 -12.24
C LEU A 63 22.84 5.46 -10.99
N GLY A 64 22.66 4.15 -11.15
CA GLY A 64 22.88 3.20 -10.06
C GLY A 64 21.73 3.15 -9.07
N PRO A 65 21.75 2.16 -8.17
CA PRO A 65 20.72 2.05 -7.14
C PRO A 65 20.71 3.22 -6.15
N ILE A 66 19.65 3.33 -5.37
CA ILE A 66 19.58 4.32 -4.28
C ILE A 66 20.66 3.98 -3.26
N GLU A 67 21.52 4.94 -2.96
CA GLU A 67 22.72 4.67 -2.17
C GLU A 67 22.55 4.92 -0.67
N GLU A 68 21.36 5.34 -0.25
CA GLU A 68 21.07 5.52 1.17
C GLU A 68 20.04 4.50 1.65
N ASP A 69 19.97 4.32 2.97
CA ASP A 69 19.03 3.36 3.56
C ASP A 69 17.60 3.67 3.16
N THR A 70 16.94 2.65 2.67
CA THR A 70 15.71 2.82 1.92
C THR A 70 14.51 2.30 2.73
N ILE A 71 14.83 1.49 3.75
CA ILE A 71 13.85 0.97 4.69
C ILE A 71 14.24 1.43 6.09
N LEU A 72 13.34 2.13 6.76
CA LEU A 72 13.60 2.66 8.09
C LEU A 72 12.54 2.19 9.07
N VAL A 73 12.96 1.68 10.21
CA VAL A 73 12.00 1.39 11.28
C VAL A 73 12.04 2.49 12.33
N ILE A 74 10.84 2.95 12.65
CA ILE A 74 10.62 4.19 13.39
C ILE A 74 9.80 3.89 14.64
N ASP A 75 10.20 4.50 15.74
CA ASP A 75 9.54 4.32 17.02
C ASP A 75 8.13 4.91 17.00
N PRO A 76 7.14 4.18 17.54
CA PRO A 76 5.75 4.65 17.46
C PRO A 76 5.41 5.82 18.37
N ASN A 77 6.27 6.06 19.37
CA ASN A 77 6.07 7.12 20.36
C ASN A 77 6.89 8.39 20.06
N ASN A 78 8.20 8.25 19.99
CA ASN A 78 9.08 9.40 19.82
C ASN A 78 9.64 9.55 18.40
N ALA A 79 9.24 8.65 17.52
CA ALA A 79 9.60 8.70 16.10
C ALA A 79 11.10 8.60 15.76
N GLU A 80 11.95 8.30 16.75
CA GLU A 80 13.37 8.06 16.47
C GLU A 80 13.57 6.88 15.51
N ILE A 81 14.65 6.94 14.72
CA ILE A 81 14.95 5.89 13.74
C ILE A 81 15.68 4.75 14.43
N LEU A 82 14.97 3.64 14.61
CA LEU A 82 15.50 2.50 15.37
C LEU A 82 16.50 1.67 14.58
N GLN A 83 16.29 1.61 13.26
CA GLN A 83 17.07 0.79 12.35
C GLN A 83 16.88 1.32 10.94
N SER A 84 17.81 0.99 10.05
CA SER A 84 17.62 1.23 8.63
C SER A 84 18.37 0.20 7.78
N SER A 85 17.88 -0.05 6.56
CA SER A 85 18.51 -0.98 5.62
C SER A 85 18.03 -0.72 4.19
N GLY A 86 18.46 -1.57 3.26
CA GLY A 86 18.03 -1.49 1.86
C GLY A 86 18.85 -0.53 1.02
N LYS A 87 20.09 -0.33 1.45
CA LYS A 87 21.05 0.50 0.75
C LYS A 87 21.65 -0.25 -0.44
N ASN A 88 21.71 0.42 -1.59
CA ASN A 88 22.35 -0.08 -2.82
C ASN A 88 21.65 -1.29 -3.46
N LEU A 89 20.33 -1.33 -3.32
CA LEU A 89 19.53 -2.43 -3.87
C LEU A 89 18.49 -1.96 -4.87
N PHE A 90 17.79 -0.89 -4.52
CA PHE A 90 16.56 -0.53 -5.21
C PHE A 90 16.72 0.69 -6.11
N TYR A 91 15.77 0.84 -7.03
CA TYR A 91 15.81 1.88 -8.04
C TYR A 91 14.55 2.74 -7.95
N LEU A 92 13.39 2.09 -7.99
CA LEU A 92 12.11 2.74 -7.68
C LEU A 92 11.27 1.88 -6.73
N PRO A 93 11.54 1.99 -5.42
CA PRO A 93 10.79 1.28 -4.40
C PRO A 93 9.30 1.54 -4.54
N HIS A 94 8.50 0.50 -4.35
CA HIS A 94 7.06 0.66 -4.33
C HIS A 94 6.46 0.05 -3.05
N GLY A 95 5.97 -1.18 -3.14
CA GLY A 95 5.31 -1.83 -2.00
C GLY A 95 6.22 -2.27 -0.87
N LEU A 96 5.65 -2.32 0.33
CA LEU A 96 6.27 -2.97 1.49
C LEU A 96 5.20 -3.55 2.39
N SER A 97 5.34 -4.83 2.74
CA SER A 97 4.57 -5.43 3.82
C SER A 97 5.44 -6.37 4.63
N ILE A 98 4.96 -6.70 5.83
CA ILE A 98 5.71 -7.55 6.75
C ILE A 98 4.87 -8.77 7.08
N ASP A 99 5.45 -9.96 6.91
CA ASP A 99 4.74 -11.20 7.20
C ASP A 99 4.77 -11.51 8.70
N THR A 100 4.13 -12.61 9.13
CA THR A 100 4.10 -12.96 10.55
C THR A 100 5.45 -13.42 11.13
N ASP A 101 6.37 -13.85 10.27
CA ASP A 101 7.74 -14.15 10.72
C ASP A 101 8.62 -12.91 10.88
N GLY A 102 8.13 -11.76 10.43
CA GLY A 102 8.89 -10.50 10.50
C GLY A 102 9.73 -10.18 9.28
N ASN A 103 9.63 -10.99 8.23
CA ASN A 103 10.34 -10.72 6.98
C ASN A 103 9.70 -9.55 6.25
N TYR A 104 10.53 -8.69 5.66
CA TYR A 104 10.05 -7.62 4.82
C TYR A 104 9.78 -8.16 3.42
N TRP A 105 8.61 -7.85 2.89
CA TRP A 105 8.33 -8.12 1.49
C TRP A 105 8.28 -6.78 0.79
N VAL A 106 9.01 -6.70 -0.31
CA VAL A 106 9.27 -5.43 -0.95
C VAL A 106 9.14 -5.54 -2.49
N THR A 107 8.78 -4.42 -3.09
CA THR A 107 8.47 -4.39 -4.51
C THR A 107 9.21 -3.23 -5.17
N ASP A 108 9.81 -3.49 -6.33
CA ASP A 108 10.50 -2.43 -7.10
C ASP A 108 9.97 -2.32 -8.54
N VAL A 109 9.43 -1.14 -8.83
CA VAL A 109 8.82 -0.86 -10.13
C VAL A 109 9.85 -0.77 -11.28
N ALA A 110 11.07 -0.32 -10.97
CA ALA A 110 12.13 -0.22 -11.97
C ALA A 110 12.78 -1.57 -12.27
N LEU A 111 13.02 -2.35 -11.22
CA LEU A 111 13.62 -3.69 -11.38
C LEU A 111 12.61 -4.72 -11.89
N HIS A 112 11.32 -4.41 -11.76
CA HIS A 112 10.23 -5.35 -12.06
C HIS A 112 10.38 -6.61 -11.22
N GLN A 113 10.63 -6.40 -9.92
CA GLN A 113 10.98 -7.49 -9.02
C GLN A 113 10.33 -7.36 -7.64
N VAL A 114 10.24 -8.48 -6.95
CA VAL A 114 9.79 -8.57 -5.57
C VAL A 114 10.89 -9.24 -4.76
N PHE A 115 11.20 -8.67 -3.60
CA PHE A 115 12.24 -9.20 -2.71
C PHE A 115 11.63 -9.56 -1.36
N LYS A 116 12.10 -10.68 -0.80
CA LYS A 116 11.84 -11.02 0.58
C LYS A 116 13.12 -10.74 1.36
N LEU A 117 13.02 -10.00 2.46
CA LEU A 117 14.22 -9.62 3.25
C LEU A 117 14.14 -9.96 4.72
N ASP A 118 15.21 -10.58 5.22
CA ASP A 118 15.44 -10.75 6.65
C ASP A 118 15.99 -9.43 7.21
N PRO A 119 15.22 -8.74 8.09
CA PRO A 119 15.63 -7.43 8.59
C PRO A 119 16.94 -7.44 9.41
N HIS A 120 17.36 -8.60 9.89
CA HIS A 120 18.57 -8.71 10.72
C HIS A 120 19.77 -9.32 10.00
N SER A 121 19.63 -9.57 8.71
CA SER A 121 20.68 -10.18 7.91
C SER A 121 21.54 -9.13 7.21
N LYS A 122 22.83 -9.42 7.08
CA LYS A 122 23.73 -8.60 6.27
C LYS A 122 24.24 -9.42 5.07
N GLU A 123 23.37 -10.28 4.56
CA GLU A 123 23.72 -11.20 3.48
C GLU A 123 22.90 -11.00 2.20
N GLY A 124 21.85 -10.19 2.30
CA GLY A 124 21.02 -9.91 1.14
C GLY A 124 19.70 -10.66 1.14
N PRO A 125 18.88 -10.47 0.09
CA PRO A 125 17.52 -11.03 0.03
C PRO A 125 17.47 -12.55 0.18
N LEU A 126 16.39 -13.04 0.78
CA LEU A 126 16.16 -14.48 0.93
C LEU A 126 15.62 -15.04 -0.38
N LEU A 127 14.72 -14.27 -0.98
CA LEU A 127 14.09 -14.61 -2.24
C LEU A 127 13.98 -13.39 -3.12
N ILE A 128 14.29 -13.56 -4.41
CA ILE A 128 13.98 -12.54 -5.40
C ILE A 128 13.04 -13.12 -6.46
N LEU A 129 11.91 -12.44 -6.68
CA LEU A 129 10.94 -12.82 -7.70
C LEU A 129 11.02 -11.84 -8.87
N GLY A 130 11.01 -12.39 -10.09
CA GLY A 130 11.08 -11.57 -11.29
C GLY A 130 12.45 -11.56 -11.94
N ARG A 131 12.54 -10.88 -13.08
CA ARG A 131 13.81 -10.74 -13.82
C ARG A 131 14.30 -9.30 -13.77
N SER A 132 15.56 -9.13 -13.36
CA SER A 132 16.14 -7.81 -13.16
C SER A 132 15.95 -6.85 -14.34
N MET A 133 15.22 -5.76 -14.09
CA MET A 133 14.97 -4.70 -15.07
C MET A 133 14.19 -5.16 -16.32
N GLN A 134 13.68 -6.39 -16.31
CA GLN A 134 13.04 -6.96 -17.51
C GLN A 134 11.52 -7.16 -17.32
N PRO A 135 10.70 -6.27 -17.91
CA PRO A 135 9.24 -6.38 -17.79
C PRO A 135 8.68 -7.53 -18.62
N GLY A 136 7.56 -8.09 -18.17
CA GLY A 136 6.92 -9.20 -18.86
C GLY A 136 5.56 -9.56 -18.30
N SER A 137 4.95 -10.60 -18.85
CA SER A 137 3.57 -10.97 -18.54
C SER A 137 3.36 -12.46 -18.29
N ASP A 138 4.43 -13.25 -18.37
CA ASP A 138 4.35 -14.67 -18.08
C ASP A 138 4.62 -14.98 -16.60
N GLN A 139 4.88 -16.26 -16.29
CA GLN A 139 5.01 -16.75 -14.92
C GLN A 139 6.27 -16.28 -14.18
N ASN A 140 7.30 -15.90 -14.93
CA ASN A 140 8.60 -15.53 -14.36
C ASN A 140 8.84 -14.02 -14.32
N HIS A 141 7.95 -13.26 -14.93
CA HIS A 141 8.10 -11.81 -15.07
C HIS A 141 7.02 -11.00 -14.35
N PHE A 142 7.37 -9.76 -14.04
CA PHE A 142 6.40 -8.76 -13.56
C PHE A 142 6.46 -7.55 -14.48
N CYS A 143 5.49 -6.65 -14.34
CA CYS A 143 5.48 -5.39 -15.07
C CYS A 143 5.05 -4.29 -14.11
N GLN A 144 6.05 -3.58 -13.58
CA GLN A 144 5.85 -2.56 -12.56
C GLN A 144 4.97 -3.08 -11.40
N PRO A 145 5.46 -4.12 -10.68
CA PRO A 145 4.72 -4.72 -9.54
C PRO A 145 4.53 -3.71 -8.43
N THR A 146 3.44 -3.83 -7.67
CA THR A 146 3.02 -2.75 -6.79
C THR A 146 2.93 -3.10 -5.30
N ASP A 147 2.46 -4.30 -4.98
CA ASP A 147 2.31 -4.69 -3.56
C ASP A 147 2.44 -6.19 -3.38
N VAL A 148 2.62 -6.59 -2.13
CA VAL A 148 2.78 -7.98 -1.72
C VAL A 148 2.00 -8.20 -0.44
N ALA A 149 1.35 -9.35 -0.36
CA ALA A 149 0.59 -9.78 0.80
C ALA A 149 0.93 -11.23 1.05
N VAL A 150 1.24 -11.58 2.30
CA VAL A 150 1.63 -12.95 2.62
C VAL A 150 0.72 -13.52 3.69
N GLU A 151 -0.02 -14.58 3.32
CA GLU A 151 -0.99 -15.21 4.21
C GLU A 151 -0.31 -16.00 5.35
N PRO A 152 -0.57 -15.60 6.61
CA PRO A 152 0.04 -16.23 7.79
C PRO A 152 -0.20 -17.74 7.90
N SER A 153 -1.41 -18.19 7.59
CA SER A 153 -1.80 -19.60 7.80
C SER A 153 -1.22 -20.59 6.77
N THR A 154 -0.98 -20.13 5.55
CA THR A 154 -0.52 -21.01 4.47
C THR A 154 0.90 -20.65 4.01
N GLY A 155 1.25 -19.38 4.17
CA GLY A 155 2.53 -18.88 3.70
C GLY A 155 2.45 -18.38 2.27
N ALA A 156 1.26 -18.49 1.67
CA ALA A 156 1.04 -18.09 0.28
C ALA A 156 1.36 -16.60 0.05
N VAL A 157 2.10 -16.33 -1.02
CA VAL A 157 2.56 -14.99 -1.34
C VAL A 157 1.76 -14.41 -2.51
N PHE A 158 1.09 -13.30 -2.26
CA PHE A 158 0.31 -12.65 -3.31
C PHE A 158 0.98 -11.35 -3.76
N VAL A 159 1.13 -11.20 -5.08
CA VAL A 159 1.74 -10.02 -5.66
C VAL A 159 0.79 -9.36 -6.66
N SER A 160 0.39 -8.12 -6.39
CA SER A 160 -0.36 -7.34 -7.35
C SER A 160 0.61 -6.82 -8.40
N ASP A 161 0.42 -7.29 -9.63
CA ASP A 161 1.29 -6.92 -10.75
C ASP A 161 0.50 -5.92 -11.58
N GLY A 162 0.88 -4.66 -11.43
CA GLY A 162 -0.09 -3.58 -11.50
C GLY A 162 -0.02 -2.45 -12.49
N TYR A 163 1.09 -1.74 -12.56
CA TYR A 163 1.11 -0.53 -13.40
C TYR A 163 1.09 -0.79 -14.91
N CYS A 164 1.58 -1.96 -15.34
CA CYS A 164 1.46 -2.34 -16.74
C CYS A 164 0.95 -3.77 -17.00
N ASN A 165 0.51 -4.44 -15.93
CA ASN A 165 -0.22 -5.71 -16.04
C ASN A 165 -1.52 -5.59 -15.24
N SER A 166 -2.43 -6.55 -15.42
CA SER A 166 -3.69 -6.54 -14.69
C SER A 166 -3.97 -7.88 -14.00
N ARG A 167 -3.10 -8.28 -13.08
CA ARG A 167 -3.17 -9.60 -12.45
C ARG A 167 -2.79 -9.60 -10.96
N ILE A 168 -3.26 -10.62 -10.24
CA ILE A 168 -2.70 -10.95 -8.93
C ILE A 168 -2.11 -12.35 -9.02
N VAL A 169 -0.81 -12.44 -8.75
CA VAL A 169 -0.10 -13.71 -8.85
C VAL A 169 0.13 -14.33 -7.47
N GLN A 170 -0.10 -15.63 -7.39
CA GLN A 170 0.20 -16.39 -6.19
C GLN A 170 1.50 -17.16 -6.34
N PHE A 171 2.32 -17.13 -5.30
CA PHE A 171 3.57 -17.90 -5.29
C PHE A 171 3.62 -18.81 -4.06
N SER A 172 4.36 -19.90 -4.20
CA SER A 172 4.77 -20.76 -3.08
C SER A 172 5.69 -19.99 -2.13
N PRO A 173 5.84 -20.48 -0.88
CA PRO A 173 6.84 -19.92 0.03
C PRO A 173 8.26 -19.98 -0.55
N SER A 174 8.52 -20.95 -1.42
CA SER A 174 9.80 -21.11 -2.09
C SER A 174 9.89 -20.29 -3.38
N GLY A 175 8.83 -19.54 -3.69
CA GLY A 175 8.79 -18.65 -4.85
C GLY A 175 8.38 -19.28 -6.18
N LYS A 176 7.72 -20.43 -6.15
CA LYS A 176 7.20 -21.04 -7.37
C LYS A 176 5.82 -20.46 -7.71
N PHE A 177 5.61 -20.17 -8.99
CA PHE A 177 4.32 -19.69 -9.49
C PHE A 177 3.27 -20.76 -9.25
N VAL A 178 2.18 -20.39 -8.61
CA VAL A 178 1.09 -21.33 -8.36
C VAL A 178 -0.06 -21.04 -9.32
N THR A 179 -0.66 -19.87 -9.16
CA THR A 179 -1.81 -19.46 -9.96
C THR A 179 -1.83 -17.94 -10.10
N GLN A 180 -2.79 -17.45 -10.89
CA GLN A 180 -2.91 -16.03 -11.19
C GLN A 180 -4.37 -15.73 -11.52
N TRP A 181 -4.83 -14.52 -11.23
CA TRP A 181 -6.16 -14.10 -11.67
C TRP A 181 -6.26 -12.61 -11.95
N GLY A 182 -7.26 -12.24 -12.74
CA GLY A 182 -7.47 -10.86 -13.13
C GLY A 182 -7.17 -10.58 -14.58
N GLU A 183 -7.85 -9.59 -15.14
CA GLU A 183 -7.63 -9.11 -16.50
C GLU A 183 -7.89 -7.60 -16.52
N GLU A 184 -7.60 -6.95 -17.65
CA GLU A 184 -7.85 -5.50 -17.80
C GLU A 184 -9.33 -5.18 -17.77
N SER A 185 -9.70 -4.13 -17.05
CA SER A 185 -11.07 -3.64 -17.02
C SER A 185 -11.50 -3.21 -18.42
N SER A 186 -12.43 -3.97 -18.99
CA SER A 186 -12.84 -3.83 -20.38
C SER A 186 -13.58 -2.53 -20.65
N GLY A 187 -13.77 -2.22 -21.94
CA GLY A 187 -14.50 -1.03 -22.39
C GLY A 187 -15.92 -0.98 -21.86
N SER A 188 -16.49 0.22 -21.85
CA SER A 188 -17.71 0.53 -21.09
C SER A 188 -17.38 0.43 -19.58
N SER A 189 -18.32 -0.07 -18.78
CA SER A 189 -18.11 -0.18 -17.33
C SER A 189 -17.15 -1.32 -16.94
N PRO A 190 -16.24 -1.06 -15.98
CA PRO A 190 -15.36 -2.11 -15.44
C PRO A 190 -16.16 -3.20 -14.72
N ARG A 191 -15.79 -4.45 -14.95
CA ARG A 191 -16.54 -5.60 -14.45
C ARG A 191 -15.79 -6.39 -13.37
N PRO A 192 -16.52 -7.18 -12.55
CA PRO A 192 -15.91 -7.96 -11.47
C PRO A 192 -14.77 -8.88 -11.92
N GLY A 193 -13.59 -8.68 -11.34
CA GLY A 193 -12.42 -9.49 -11.67
C GLY A 193 -11.49 -8.80 -12.66
N GLN A 194 -11.82 -7.56 -13.01
CA GLN A 194 -11.02 -6.75 -13.93
C GLN A 194 -10.35 -5.59 -13.21
N PHE A 195 -9.03 -5.48 -13.37
CA PHE A 195 -8.29 -4.41 -12.72
C PHE A 195 -7.77 -3.38 -13.69
N SER A 196 -7.71 -2.15 -13.21
CA SER A 196 -6.96 -1.08 -13.87
C SER A 196 -5.96 -0.54 -12.85
N VAL A 197 -4.75 -1.09 -12.91
CA VAL A 197 -3.70 -0.86 -11.91
C VAL A 197 -4.11 -1.40 -10.53
N PRO A 198 -3.92 -2.70 -10.30
CA PRO A 198 -4.02 -3.22 -8.94
C PRO A 198 -2.83 -2.68 -8.14
N HIS A 199 -3.12 -1.95 -7.08
CA HIS A 199 -2.12 -1.07 -6.51
C HIS A 199 -1.80 -1.34 -5.03
N SER A 200 -2.73 -2.01 -4.34
CA SER A 200 -2.59 -2.27 -2.91
C SER A 200 -3.35 -3.52 -2.50
N LEU A 201 -2.77 -4.31 -1.59
CA LEU A 201 -3.43 -5.52 -1.10
C LEU A 201 -3.66 -5.45 0.40
N ALA A 202 -4.81 -5.93 0.83
CA ALA A 202 -5.09 -6.19 2.24
C ALA A 202 -5.61 -7.61 2.39
N LEU A 203 -4.95 -8.40 3.22
CA LEU A 203 -5.46 -9.70 3.62
C LEU A 203 -6.50 -9.54 4.70
N VAL A 204 -7.50 -10.40 4.66
CA VAL A 204 -8.45 -10.52 5.77
C VAL A 204 -8.30 -11.94 6.32
N PRO A 205 -7.44 -12.09 7.35
CA PRO A 205 -6.97 -13.38 7.88
C PRO A 205 -8.07 -14.40 8.19
N HIS A 206 -9.12 -13.99 8.89
CA HIS A 206 -10.09 -14.96 9.40
C HIS A 206 -11.40 -15.08 8.63
N LEU A 207 -11.48 -14.34 7.52
CA LEU A 207 -12.63 -14.44 6.63
C LEU A 207 -12.17 -14.93 5.27
N ASP A 208 -10.93 -15.41 5.20
CA ASP A 208 -10.31 -15.94 3.99
C ASP A 208 -10.43 -15.02 2.77
N GLN A 209 -10.18 -13.73 2.97
CA GLN A 209 -10.35 -12.76 1.88
C GLN A 209 -9.07 -12.02 1.53
N LEU A 210 -9.04 -11.53 0.30
CA LEU A 210 -7.95 -10.70 -0.19
C LEU A 210 -8.56 -9.53 -0.94
N CYS A 211 -8.33 -8.32 -0.42
CA CYS A 211 -8.87 -7.11 -1.02
C CYS A 211 -7.83 -6.38 -1.86
N VAL A 212 -8.26 -5.87 -3.01
CA VAL A 212 -7.39 -5.17 -3.93
C VAL A 212 -7.91 -3.76 -4.18
N ALA A 213 -7.01 -2.78 -4.05
CA ALA A 213 -7.33 -1.41 -4.42
C ALA A 213 -7.11 -1.28 -5.92
N ASP A 214 -8.20 -1.05 -6.64
CA ASP A 214 -8.17 -0.98 -8.09
C ASP A 214 -8.02 0.48 -8.51
N ARG A 215 -6.76 0.91 -8.58
CA ARG A 215 -6.39 2.33 -8.58
C ARG A 215 -7.13 3.20 -9.60
N GLU A 216 -6.98 2.91 -10.90
CA GLU A 216 -7.64 3.72 -11.93
C GLU A 216 -9.16 3.58 -12.04
N ASN A 217 -9.74 2.61 -11.35
CA ASN A 217 -11.19 2.42 -11.36
C ASN A 217 -11.90 3.00 -10.15
N GLY A 218 -11.13 3.51 -9.19
CA GLY A 218 -11.68 4.09 -7.98
C GLY A 218 -12.54 3.13 -7.17
N ARG A 219 -12.10 1.88 -7.08
CA ARG A 219 -12.85 0.85 -6.37
C ARG A 219 -11.97 -0.16 -5.66
N ILE A 220 -12.57 -0.90 -4.72
CA ILE A 220 -11.90 -1.97 -3.99
C ILE A 220 -12.56 -3.31 -4.30
N GLN A 221 -11.75 -4.29 -4.69
CA GLN A 221 -12.27 -5.62 -5.05
C GLN A 221 -11.79 -6.69 -4.08
N CYS A 222 -12.72 -7.49 -3.56
CA CYS A 222 -12.40 -8.53 -2.58
C CYS A 222 -12.65 -9.92 -3.14
N PHE A 223 -11.70 -10.82 -2.89
CA PHE A 223 -11.75 -12.18 -3.42
C PHE A 223 -11.57 -13.20 -2.32
N LYS A 224 -12.14 -14.39 -2.51
CA LYS A 224 -11.90 -15.52 -1.62
C LYS A 224 -10.46 -15.95 -1.83
N THR A 225 -9.73 -16.10 -0.73
CA THR A 225 -8.30 -16.34 -0.76
C THR A 225 -7.93 -17.69 -1.39
N ASP A 226 -8.82 -18.67 -1.29
CA ASP A 226 -8.53 -20.02 -1.79
C ASP A 226 -9.06 -20.28 -3.20
N THR A 227 -10.31 -19.87 -3.45
CA THR A 227 -11.00 -20.22 -4.70
C THR A 227 -10.98 -19.08 -5.70
N LYS A 228 -10.45 -17.92 -5.27
CA LYS A 228 -10.31 -16.74 -6.11
C LYS A 228 -11.66 -16.18 -6.58
N GLU A 229 -12.74 -16.69 -5.99
CA GLU A 229 -14.08 -16.19 -6.22
C GLU A 229 -14.17 -14.71 -5.86
N PHE A 230 -14.74 -13.93 -6.78
CA PHE A 230 -15.09 -12.55 -6.50
C PHE A 230 -16.15 -12.52 -5.40
N VAL A 231 -15.84 -11.84 -4.30
CA VAL A 231 -16.74 -11.75 -3.17
C VAL A 231 -17.62 -10.51 -3.28
N ARG A 232 -16.99 -9.37 -3.51
CA ARG A 232 -17.63 -8.10 -3.27
C ARG A 232 -16.84 -6.96 -3.89
N GLU A 233 -17.54 -5.88 -4.20
CA GLU A 233 -16.95 -4.66 -4.71
C GLU A 233 -17.34 -3.51 -3.78
N ILE A 234 -16.36 -2.71 -3.39
CA ILE A 234 -16.63 -1.48 -2.64
C ILE A 234 -16.31 -0.29 -3.54
N LYS A 235 -17.31 0.53 -3.81
CA LYS A 235 -17.12 1.74 -4.60
C LYS A 235 -18.05 2.85 -4.10
N HIS A 236 -17.48 4.03 -3.90
CA HIS A 236 -18.25 5.19 -3.47
C HIS A 236 -17.89 6.41 -4.30
N ALA A 237 -18.89 7.28 -4.50
CA ALA A 237 -18.69 8.55 -5.19
C ALA A 237 -17.64 9.41 -4.48
N SER A 238 -17.59 9.32 -3.14
CA SER A 238 -16.59 10.03 -2.33
C SER A 238 -15.14 9.66 -2.66
N PHE A 239 -14.91 8.47 -3.19
CA PHE A 239 -13.55 8.07 -3.55
C PHE A 239 -13.00 8.98 -4.64
N GLY A 240 -13.85 9.32 -5.60
CA GLY A 240 -13.41 10.05 -6.78
C GLY A 240 -12.88 9.06 -7.80
N ARG A 241 -11.81 9.42 -8.48
CA ARG A 241 -11.28 8.62 -9.58
C ARG A 241 -10.36 7.48 -9.14
N ASN A 242 -9.78 7.60 -7.96
CA ASN A 242 -8.74 6.65 -7.54
C ASN A 242 -8.86 6.12 -6.12
N VAL A 243 -8.44 4.88 -5.93
CA VAL A 243 -8.16 4.33 -4.60
C VAL A 243 -6.69 3.90 -4.57
N PHE A 244 -5.88 4.64 -3.82
CA PHE A 244 -4.45 4.36 -3.79
C PHE A 244 -4.08 3.19 -2.88
N ALA A 245 -4.60 3.17 -1.66
CA ALA A 245 -4.19 2.14 -0.71
C ALA A 245 -5.28 1.76 0.27
N ILE A 246 -5.26 0.50 0.69
CA ILE A 246 -6.15 -0.01 1.73
C ILE A 246 -5.39 -0.74 2.82
N SER A 247 -6.01 -0.85 3.98
CA SER A 247 -5.46 -1.60 5.10
C SER A 247 -6.62 -2.07 5.96
N TYR A 248 -6.54 -3.31 6.42
CA TYR A 248 -7.62 -3.89 7.21
C TYR A 248 -7.21 -4.10 8.66
N ILE A 249 -8.11 -3.78 9.58
CA ILE A 249 -8.08 -4.31 10.95
C ILE A 249 -9.47 -4.83 11.26
N PRO A 250 -9.59 -5.81 12.18
CA PRO A 250 -10.94 -6.34 12.44
C PRO A 250 -11.97 -5.25 12.68
N GLY A 251 -13.04 -5.28 11.89
CA GLY A 251 -14.10 -4.27 11.94
C GLY A 251 -13.99 -3.14 10.92
N PHE A 252 -12.79 -2.89 10.40
CA PHE A 252 -12.55 -1.71 9.59
C PHE A 252 -11.74 -1.92 8.33
N LEU A 253 -12.12 -1.22 7.26
CA LEU A 253 -11.25 -1.07 6.11
C LEU A 253 -10.86 0.40 6.04
N PHE A 254 -9.55 0.66 6.04
CA PHE A 254 -9.03 2.01 5.83
C PHE A 254 -8.64 2.15 4.37
N ALA A 255 -8.86 3.33 3.81
CA ALA A 255 -8.47 3.58 2.42
C ALA A 255 -7.95 4.99 2.25
N VAL A 256 -7.27 5.20 1.12
CA VAL A 256 -6.78 6.50 0.78
C VAL A 256 -7.01 6.68 -0.71
N ASN A 257 -7.45 7.88 -1.12
CA ASN A 257 -7.81 8.13 -2.52
C ASN A 257 -6.79 9.01 -3.23
N GLY A 258 -7.10 9.40 -4.47
CA GLY A 258 -6.21 10.23 -5.25
C GLY A 258 -6.51 11.71 -5.12
N LYS A 259 -5.56 12.53 -5.54
CA LYS A 259 -5.72 13.98 -5.61
C LYS A 259 -6.68 14.30 -6.78
N PRO A 260 -7.69 15.16 -6.56
CA PRO A 260 -8.68 15.45 -7.59
C PRO A 260 -8.10 16.17 -8.81
N TYR A 261 -8.67 15.90 -9.99
CA TYR A 261 -8.40 16.68 -11.19
C TYR A 261 -9.00 18.07 -11.01
N PHE A 262 -8.59 19.03 -11.84
CA PHE A 262 -9.28 20.32 -11.86
C PHE A 262 -10.75 20.06 -12.23
N GLY A 263 -11.66 20.53 -11.38
CA GLY A 263 -13.09 20.37 -11.61
C GLY A 263 -13.78 19.38 -10.69
N ASP A 264 -13.03 18.42 -10.17
CA ASP A 264 -13.59 17.36 -9.31
C ASP A 264 -14.02 17.86 -7.93
N GLN A 265 -15.17 17.40 -7.49
CA GLN A 265 -15.70 17.75 -6.17
C GLN A 265 -14.91 17.11 -5.00
N GLU A 266 -14.39 15.89 -5.20
CA GLU A 266 -13.86 15.06 -4.10
C GLU A 266 -12.41 15.32 -3.70
N PRO A 267 -12.21 15.88 -2.49
CA PRO A 267 -10.85 16.11 -1.99
C PRO A 267 -10.06 14.82 -1.71
N VAL A 268 -8.73 14.93 -1.65
CA VAL A 268 -7.87 13.84 -1.19
C VAL A 268 -8.10 13.63 0.31
N GLN A 269 -8.30 12.39 0.71
CA GLN A 269 -8.69 12.08 2.08
C GLN A 269 -8.34 10.65 2.47
N GLY A 270 -8.32 10.40 3.78
CA GLY A 270 -8.32 9.05 4.31
C GLY A 270 -9.76 8.68 4.59
N PHE A 271 -10.09 7.40 4.42
CA PHE A 271 -11.46 6.91 4.61
C PHE A 271 -11.44 5.79 5.64
N VAL A 272 -12.41 5.78 6.54
CA VAL A 272 -12.65 4.61 7.37
C VAL A 272 -13.99 4.00 6.97
N MET A 273 -13.99 2.70 6.72
CA MET A 273 -15.22 1.97 6.42
C MET A 273 -15.51 0.90 7.44
N ASN A 274 -16.79 0.70 7.70
CA ASN A 274 -17.28 -0.50 8.36
C ASN A 274 -17.01 -1.64 7.38
N PHE A 275 -16.18 -2.60 7.77
CA PHE A 275 -15.76 -3.66 6.85
C PHE A 275 -16.93 -4.51 6.38
N SER A 276 -17.92 -4.68 7.23
CA SER A 276 -19.04 -5.57 6.91
C SER A 276 -19.99 -4.98 5.88
N SER A 277 -20.39 -3.72 6.09
CA SER A 277 -21.36 -3.04 5.23
C SER A 277 -20.68 -2.32 4.06
N GLY A 278 -19.40 -2.02 4.22
CA GLY A 278 -18.64 -1.30 3.21
C GLY A 278 -18.77 0.21 3.29
N GLU A 279 -19.67 0.68 4.15
CA GLU A 279 -20.00 2.11 4.22
C GLU A 279 -18.90 2.94 4.87
N ILE A 280 -18.63 4.11 4.28
CA ILE A 280 -17.74 5.11 4.86
C ILE A 280 -18.38 5.68 6.12
N ILE A 281 -17.67 5.60 7.24
CA ILE A 281 -18.19 6.11 8.50
C ILE A 281 -17.40 7.33 8.98
N ASP A 282 -16.20 7.50 8.43
CA ASP A 282 -15.39 8.66 8.69
C ASP A 282 -14.46 8.97 7.53
N VAL A 283 -14.11 10.25 7.46
CA VAL A 283 -13.24 10.83 6.47
C VAL A 283 -12.26 11.74 7.25
N PHE A 284 -10.98 11.72 6.89
CA PHE A 284 -9.98 12.47 7.66
C PHE A 284 -8.80 12.98 6.83
N LYS A 285 -8.09 13.94 7.41
CA LYS A 285 -6.89 14.51 6.82
C LYS A 285 -5.96 15.08 7.92
N PRO A 286 -4.66 15.26 7.61
CA PRO A 286 -3.71 15.72 8.63
C PRO A 286 -3.89 17.19 8.99
N VAL A 287 -3.43 17.55 10.19
CA VAL A 287 -3.35 18.95 10.61
C VAL A 287 -2.03 19.55 10.12
N ARG A 288 -0.96 18.77 10.24
CA ARG A 288 0.36 19.22 9.81
C ARG A 288 0.62 18.83 8.37
N LYS A 289 1.08 19.82 7.60
CA LYS A 289 1.34 19.63 6.18
C LYS A 289 0.05 19.24 5.42
N HIS A 290 0.18 18.51 4.32
CA HIS A 290 -0.99 18.18 3.51
C HIS A 290 -0.81 16.92 2.68
N PHE A 291 -1.92 16.25 2.41
CA PHE A 291 -1.96 15.17 1.43
C PHE A 291 -1.71 15.76 0.04
N ASP A 292 -0.96 15.02 -0.77
CA ASP A 292 -0.83 15.30 -2.19
C ASP A 292 -1.03 13.95 -2.87
N MET A 293 -0.08 13.04 -2.67
CA MET A 293 -0.30 11.65 -3.07
C MET A 293 -0.15 10.71 -1.88
N PRO A 294 -1.16 10.68 -0.99
CA PRO A 294 -1.09 9.65 0.05
C PRO A 294 -1.03 8.32 -0.66
N HIS A 295 -0.08 7.47 -0.27
CA HIS A 295 0.31 6.38 -1.13
C HIS A 295 0.23 4.97 -0.51
N ASP A 296 0.31 4.90 0.80
CA ASP A 296 0.12 3.65 1.51
C ASP A 296 -0.40 3.97 2.90
N ILE A 297 -1.12 3.01 3.48
CA ILE A 297 -1.78 3.17 4.76
C ILE A 297 -1.66 1.84 5.52
N VAL A 298 -1.40 1.90 6.82
CA VAL A 298 -1.46 0.70 7.69
C VAL A 298 -2.16 1.08 8.97
N ALA A 299 -2.91 0.13 9.50
CA ALA A 299 -3.60 0.35 10.76
C ALA A 299 -3.29 -0.78 11.73
N SER A 300 -3.31 -0.43 13.01
CA SER A 300 -3.09 -1.37 14.09
C SER A 300 -4.37 -1.56 14.88
N GLU A 301 -4.47 -2.72 15.55
CA GLU A 301 -5.60 -3.04 16.42
C GLU A 301 -5.69 -2.08 17.61
N ASP A 302 -4.57 -1.44 17.96
CA ASP A 302 -4.57 -0.48 19.06
C ASP A 302 -5.22 0.85 18.65
N GLY A 303 -5.53 0.98 17.36
CA GLY A 303 -6.27 2.12 16.85
C GLY A 303 -5.38 3.16 16.17
N THR A 304 -4.14 2.78 15.89
CA THR A 304 -3.21 3.66 15.21
C THR A 304 -3.28 3.45 13.69
N VAL A 305 -3.24 4.55 12.95
CA VAL A 305 -3.18 4.52 11.50
C VAL A 305 -1.99 5.36 11.03
N TYR A 306 -1.20 4.83 10.10
CA TYR A 306 -0.08 5.57 9.49
C TYR A 306 -0.32 5.71 8.00
N ILE A 307 0.01 6.86 7.46
CA ILE A 307 -0.09 7.14 6.02
C ILE A 307 1.21 7.76 5.53
N GLY A 308 1.71 7.29 4.39
CA GLY A 308 2.88 7.88 3.73
C GLY A 308 2.50 8.51 2.39
N ASP A 309 3.12 9.64 2.09
CA ASP A 309 2.84 10.40 0.88
C ASP A 309 4.04 10.34 -0.06
N ALA A 310 3.78 10.10 -1.34
CA ALA A 310 4.84 9.99 -2.32
C ALA A 310 5.19 11.34 -2.99
N HIS A 311 4.37 12.36 -2.81
CA HIS A 311 4.70 13.67 -3.36
C HIS A 311 5.16 14.66 -2.29
N THR A 312 4.61 14.57 -1.09
CA THR A 312 5.06 15.47 -0.01
C THR A 312 6.05 14.80 0.93
N ASN A 313 6.49 13.60 0.60
CA ASN A 313 7.61 12.95 1.31
C ASN A 313 7.46 13.03 2.82
N THR A 314 6.28 12.66 3.30
CA THR A 314 5.91 12.78 4.69
C THR A 314 5.18 11.54 5.13
N VAL A 315 5.31 11.20 6.40
CA VAL A 315 4.51 10.13 6.96
C VAL A 315 3.79 10.69 8.17
N TRP A 316 2.53 10.31 8.34
CA TRP A 316 1.73 10.81 9.47
C TRP A 316 1.18 9.65 10.29
N LYS A 317 1.05 9.89 11.59
CA LYS A 317 0.34 9.02 12.51
C LYS A 317 -1.00 9.60 12.94
N PHE A 318 -2.05 8.78 12.87
CA PHE A 318 -3.39 9.15 13.29
C PHE A 318 -3.87 8.11 14.29
N THR A 319 -4.87 8.47 15.09
CA THR A 319 -5.53 7.53 15.98
C THR A 319 -7.04 7.51 15.77
N LEU A 320 -7.59 6.30 15.73
CA LEU A 320 -9.02 6.04 15.65
C LEU A 320 -9.64 6.18 17.04
N THR A 321 -10.85 6.71 17.09
CA THR A 321 -11.47 7.08 18.36
C THR A 321 -12.98 7.15 18.19
N GLU A 322 -13.71 6.79 19.24
CA GLU A 322 -15.16 6.97 19.27
C GLU A 322 -15.54 7.90 20.43
N LYS A 323 -16.05 9.09 20.09
CA LYS A 323 -16.41 10.07 21.09
C LYS A 323 -17.91 10.27 21.19
N MET A 324 -18.39 10.48 22.41
CA MET A 324 -19.78 10.80 22.67
C MET A 324 -20.26 12.02 21.85
N GLU A 325 -19.35 12.95 21.60
CA GLU A 325 -19.57 14.08 20.71
C GLU A 325 -18.28 14.38 19.95
N HIS A 326 -18.28 14.02 18.67
CA HIS A 326 -17.12 14.17 17.79
C HIS A 326 -16.47 15.53 17.98
N ARG A 327 -15.15 15.56 18.14
CA ARG A 327 -14.50 16.84 18.42
C ARG A 327 -15.07 17.95 17.54
N SER A 328 -15.71 18.92 18.19
CA SER A 328 -16.36 20.08 17.53
C SER A 328 -17.69 19.80 16.82
N VAL A 329 -18.20 18.57 16.95
CA VAL A 329 -19.48 18.12 16.36
C VAL A 329 -19.47 18.20 14.83
#